data_6MEW
#
_entry.id   6MEW
#
_cell.length_a   64.230
_cell.length_b   29.870
_cell.length_c   97.890
_cell.angle_alpha   90.000
_cell.angle_beta   102.120
_cell.angle_gamma   90.000
#
_symmetry.space_group_name_H-M   'P 1 21 1'
#
loop_
_entity.id
_entity.type
_entity.pdbx_description
1 polymer 'DNA-binding protein RFXANK'
2 polymer 'RFX7 peptide'
3 non-polymer 'UNKNOWN ATOM OR ION'
4 water water
#
loop_
_entity_poly.entity_id
_entity_poly.type
_entity_poly.pdbx_seq_one_letter_code
_entity_poly.pdbx_strand_id
1 'polypeptide(L)'
;GDSLSIHQLAAQGELDQLKEHLRKGDNLVNKPDERGFTPLIWASAFGEIETVRFLLEWGADPHILAKERESALSLASTGG
YTDIVGLLLERDVDINIYDWNGGTPLLYAVRGNHVKCVEALLARGADLTTEADSGYTPMDLAVALGYRKVQQVIENHILK
LFQSNLVPADPE
;
A,C
2 'polypeptide(L)' KAFVHMPTLPNLDFHKT B,D
#
# COMPACT_ATOMS: atom_id res chain seq x y z
CA SER A 3 1.94 -19.52 -16.95
C SER A 3 1.90 -18.13 -16.26
N LEU A 4 3.04 -17.44 -16.09
CA LEU A 4 3.05 -16.11 -15.38
C LEU A 4 2.42 -15.05 -16.31
N SER A 5 1.66 -14.12 -15.75
CA SER A 5 1.16 -12.93 -16.46
C SER A 5 2.28 -12.05 -16.99
N ILE A 6 1.98 -11.21 -17.98
CA ILE A 6 2.98 -10.23 -18.50
C ILE A 6 3.42 -9.34 -17.37
N HIS A 7 2.56 -9.07 -16.35
CA HIS A 7 2.92 -8.15 -15.24
C HIS A 7 3.94 -8.80 -14.33
N GLN A 8 3.76 -10.07 -14.03
CA GLN A 8 4.76 -10.81 -13.23
C GLN A 8 6.06 -10.94 -14.04
N LEU A 9 5.99 -11.19 -15.34
CA LEU A 9 7.26 -11.38 -16.08
C LEU A 9 8.07 -10.09 -16.02
N ALA A 10 7.42 -8.95 -16.21
CA ALA A 10 8.07 -7.63 -16.09
C ALA A 10 8.59 -7.42 -14.67
N ALA A 11 7.76 -7.69 -13.65
CA ALA A 11 8.15 -7.52 -12.24
C ALA A 11 9.42 -8.34 -11.93
N GLN A 12 9.55 -9.53 -12.52
CA GLN A 12 10.62 -10.50 -12.19
C GLN A 12 11.80 -10.37 -13.15
N GLY A 13 11.80 -9.41 -14.08
CA GLY A 13 12.95 -9.23 -14.99
C GLY A 13 13.11 -10.39 -15.96
N GLU A 14 12.02 -11.13 -16.27
CA GLU A 14 12.00 -12.29 -17.22
C GLU A 14 11.85 -11.76 -18.66
N LEU A 15 12.93 -11.16 -19.16
CA LEU A 15 12.88 -10.29 -20.34
C LEU A 15 12.66 -11.14 -21.59
N ASP A 16 13.29 -12.31 -21.69
CA ASP A 16 13.13 -13.17 -22.89
C ASP A 16 11.68 -13.66 -22.97
N GLN A 17 11.08 -14.05 -21.84
CA GLN A 17 9.66 -14.49 -21.85
C GLN A 17 8.75 -13.30 -22.16
N LEU A 18 9.04 -12.14 -21.57
CA LEU A 18 8.23 -10.91 -21.76
C LEU A 18 8.22 -10.57 -23.26
N LYS A 19 9.38 -10.64 -23.92
CA LYS A 19 9.45 -10.40 -25.36
C LYS A 19 8.51 -11.33 -26.14
N GLU A 20 8.58 -12.64 -25.87
N GLU A 20 8.56 -12.63 -25.87
CA GLU A 20 7.69 -13.68 -26.49
CA GLU A 20 7.68 -13.62 -26.55
C GLU A 20 6.22 -13.28 -26.29
C GLU A 20 6.20 -13.28 -26.29
N HIS A 21 5.83 -12.94 -25.05
CA HIS A 21 4.42 -12.59 -24.76
C HIS A 21 3.95 -11.46 -25.64
N LEU A 22 4.80 -10.45 -25.77
CA LEU A 22 4.48 -9.21 -26.53
C LEU A 22 4.49 -9.50 -28.03
N ARG A 23 5.33 -10.42 -28.50
CA ARG A 23 5.36 -10.84 -29.93
C ARG A 23 4.00 -11.45 -30.29
N LYS A 24 3.48 -12.33 -29.42
CA LYS A 24 2.24 -13.14 -29.64
C LYS A 24 1.01 -12.28 -29.43
N GLY A 25 1.06 -11.18 -28.68
CA GLY A 25 -0.17 -10.47 -28.31
C GLY A 25 -0.40 -9.24 -29.18
N ASP A 26 -1.61 -8.70 -29.14
CA ASP A 26 -2.04 -7.48 -29.88
C ASP A 26 -1.90 -6.27 -28.96
N ASN A 27 -0.84 -5.49 -29.11
CA ASN A 27 -0.72 -4.18 -28.40
C ASN A 27 -1.02 -4.39 -26.91
N LEU A 28 -0.30 -5.29 -26.29
CA LEU A 28 -0.43 -5.59 -24.85
C LEU A 28 0.47 -4.70 -23.99
N VAL A 29 1.42 -3.93 -24.53
CA VAL A 29 2.48 -3.35 -23.63
C VAL A 29 1.84 -2.44 -22.57
N ASN A 30 0.72 -1.75 -22.84
CA ASN A 30 0.13 -0.76 -21.94
C ASN A 30 -1.11 -1.36 -21.23
N LYS A 31 -1.37 -2.65 -21.40
CA LYS A 31 -2.52 -3.39 -20.80
C LYS A 31 -2.47 -3.29 -19.29
N PRO A 32 -3.47 -2.65 -18.64
CA PRO A 32 -3.51 -2.53 -17.17
C PRO A 32 -4.02 -3.82 -16.53
N ASP A 33 -3.49 -4.17 -15.37
CA ASP A 33 -4.02 -5.28 -14.53
C ASP A 33 -5.22 -4.76 -13.71
N GLU A 34 -5.70 -5.56 -12.77
CA GLU A 34 -6.86 -5.27 -11.87
C GLU A 34 -6.72 -3.94 -11.13
N ARG A 35 -5.53 -3.54 -10.76
CA ARG A 35 -5.27 -2.28 -10.03
C ARG A 35 -4.89 -1.13 -10.98
N GLY A 36 -4.83 -1.36 -12.29
CA GLY A 36 -4.40 -0.32 -13.23
C GLY A 36 -2.90 -0.33 -13.51
N PHE A 37 -2.15 -1.27 -12.93
CA PHE A 37 -0.69 -1.32 -13.10
C PHE A 37 -0.40 -1.87 -14.51
N THR A 38 0.52 -1.24 -15.21
CA THR A 38 1.09 -1.71 -16.50
C THR A 38 2.33 -2.52 -16.19
N PRO A 39 2.82 -3.32 -17.15
CA PRO A 39 4.10 -3.99 -16.95
C PRO A 39 5.23 -3.04 -16.59
N LEU A 40 5.25 -1.86 -17.20
CA LEU A 40 6.31 -0.86 -16.88
C LEU A 40 6.30 -0.48 -15.39
N ILE A 41 5.14 -0.30 -14.81
CA ILE A 41 5.07 0.10 -13.39
C ILE A 41 5.62 -1.05 -12.53
N TRP A 42 5.21 -2.26 -12.81
CA TRP A 42 5.78 -3.47 -12.11
C TRP A 42 7.32 -3.50 -12.21
N ALA A 43 7.91 -3.46 -13.41
CA ALA A 43 9.37 -3.51 -13.56
C ALA A 43 10.04 -2.36 -12.80
N SER A 44 9.43 -1.17 -12.86
CA SER A 44 9.90 0.07 -12.20
C SER A 44 9.94 -0.17 -10.68
N ALA A 45 8.86 -0.75 -10.14
CA ALA A 45 8.69 -0.95 -8.68
C ALA A 45 9.69 -1.98 -8.17
N PHE A 46 10.26 -2.83 -9.05
CA PHE A 46 11.25 -3.90 -8.71
C PHE A 46 12.70 -3.50 -9.10
N GLY A 47 12.94 -2.31 -9.67
CA GLY A 47 14.31 -1.88 -10.00
C GLY A 47 14.88 -2.65 -11.16
N GLU A 48 14.04 -3.15 -12.06
CA GLU A 48 14.52 -4.08 -13.14
C GLU A 48 14.89 -3.24 -14.35
N ILE A 49 16.11 -2.72 -14.37
CA ILE A 49 16.56 -1.57 -15.21
C ILE A 49 16.41 -1.91 -16.69
N GLU A 50 16.97 -3.03 -17.13
CA GLU A 50 16.99 -3.36 -18.57
C GLU A 50 15.58 -3.77 -19.02
N THR A 51 14.74 -4.24 -18.08
CA THR A 51 13.31 -4.51 -18.43
C THR A 51 12.62 -3.19 -18.67
N VAL A 52 12.82 -2.20 -17.78
CA VAL A 52 12.21 -0.87 -18.04
C VAL A 52 12.71 -0.36 -19.39
N ARG A 53 14.03 -0.36 -19.61
CA ARG A 53 14.55 0.15 -20.92
C ARG A 53 13.82 -0.56 -22.07
N PHE A 54 13.78 -1.89 -22.02
CA PHE A 54 13.16 -2.64 -23.12
C PHE A 54 11.70 -2.19 -23.29
N LEU A 55 10.94 -2.08 -22.19
CA LEU A 55 9.49 -1.76 -22.30
C LEU A 55 9.31 -0.34 -22.86
N LEU A 56 10.14 0.61 -22.46
CA LEU A 56 10.10 1.96 -23.05
C LEU A 56 10.40 1.86 -24.54
N GLU A 57 11.38 1.04 -24.91
CA GLU A 57 11.79 0.91 -26.35
C GLU A 57 10.64 0.31 -27.14
N TRP A 58 9.94 -0.69 -26.58
CA TRP A 58 8.81 -1.39 -27.22
C TRP A 58 7.61 -0.45 -27.46
N GLY A 59 7.35 0.54 -26.60
CA GLY A 59 6.20 1.42 -26.79
C GLY A 59 5.53 1.71 -25.46
N ALA A 60 6.09 1.28 -24.35
CA ALA A 60 5.35 1.52 -23.08
C ALA A 60 5.19 3.03 -22.83
N ASP A 61 4.13 3.38 -22.16
CA ASP A 61 3.80 4.77 -21.83
C ASP A 61 4.13 4.96 -20.37
N PRO A 62 5.21 5.70 -20.05
CA PRO A 62 5.63 5.87 -18.67
C PRO A 62 4.74 6.79 -17.85
N HIS A 63 3.79 7.51 -18.48
CA HIS A 63 2.98 8.53 -17.78
C HIS A 63 1.76 7.91 -17.08
N ILE A 64 1.44 6.65 -17.32
CA ILE A 64 0.14 6.04 -16.96
C ILE A 64 0.02 6.00 -15.43
N LEU A 65 -1.17 6.30 -14.92
CA LEU A 65 -1.45 6.21 -13.45
C LEU A 65 -2.34 5.01 -13.17
N ALA A 66 -2.12 4.33 -12.04
CA ALA A 66 -2.92 3.17 -11.63
C ALA A 66 -4.17 3.70 -10.86
N LYS A 67 -5.04 2.82 -10.38
CA LYS A 67 -6.39 3.21 -9.85
C LYS A 67 -6.34 4.11 -8.61
N GLU A 68 -5.26 4.10 -7.81
CA GLU A 68 -5.06 5.10 -6.71
C GLU A 68 -3.93 6.09 -7.07
N ARG A 69 -3.72 6.34 -8.38
CA ARG A 69 -2.75 7.32 -8.95
C ARG A 69 -1.27 6.93 -8.75
N GLU A 70 -1.00 5.66 -8.50
CA GLU A 70 0.37 5.12 -8.38
C GLU A 70 1.01 5.28 -9.77
N SER A 71 2.26 5.69 -9.80
CA SER A 71 3.00 5.88 -11.09
C SER A 71 4.29 5.05 -11.03
N ALA A 72 4.93 4.82 -12.18
CA ALA A 72 6.20 4.14 -12.30
C ALA A 72 7.26 4.94 -11.50
N LEU A 73 7.26 6.26 -11.65
CA LEU A 73 8.24 7.12 -11.01
C LEU A 73 8.08 7.07 -9.48
N SER A 74 6.86 7.16 -8.97
CA SER A 74 6.70 7.17 -7.50
C SER A 74 7.07 5.78 -6.93
N LEU A 75 6.76 4.69 -7.63
CA LEU A 75 7.17 3.36 -7.11
C LEU A 75 8.69 3.19 -7.21
N ALA A 76 9.31 3.67 -8.29
CA ALA A 76 10.79 3.57 -8.39
C ALA A 76 11.42 4.40 -7.27
N SER A 77 10.90 5.62 -7.03
CA SER A 77 11.45 6.54 -5.99
C SER A 77 11.30 5.93 -4.59
N THR A 78 10.18 5.27 -4.34
CA THR A 78 9.87 4.60 -3.07
C THR A 78 10.97 3.58 -2.76
N GLY A 79 11.37 2.81 -3.78
CA GLY A 79 12.35 1.72 -3.64
C GLY A 79 13.78 2.23 -3.67
N GLY A 80 14.01 3.52 -3.90
CA GLY A 80 15.36 4.10 -4.02
C GLY A 80 16.02 3.69 -5.34
N TYR A 81 15.28 3.32 -6.39
CA TYR A 81 15.86 2.80 -7.65
C TYR A 81 16.23 3.96 -8.60
N THR A 82 17.33 4.64 -8.25
CA THR A 82 17.87 5.84 -8.93
C THR A 82 17.97 5.64 -10.45
N ASP A 83 18.46 4.49 -10.90
CA ASP A 83 18.68 4.24 -12.34
C ASP A 83 17.34 4.27 -13.09
N ILE A 84 16.28 3.75 -12.43
CA ILE A 84 14.92 3.74 -13.08
C ILE A 84 14.40 5.16 -13.13
N VAL A 85 14.50 5.89 -12.02
CA VAL A 85 14.15 7.32 -11.99
C VAL A 85 14.79 8.08 -13.17
N GLY A 86 16.09 7.85 -13.46
CA GLY A 86 16.79 8.47 -14.59
C GLY A 86 16.10 8.13 -15.91
N LEU A 87 15.87 6.86 -16.17
CA LEU A 87 15.29 6.36 -17.42
C LEU A 87 13.92 6.96 -17.64
N LEU A 88 13.11 7.04 -16.57
CA LEU A 88 11.73 7.60 -16.63
C LEU A 88 11.81 9.12 -16.86
N LEU A 89 12.75 9.81 -16.22
CA LEU A 89 12.84 11.28 -16.37
C LEU A 89 13.48 11.68 -17.70
N GLU A 90 14.16 10.77 -18.40
CA GLU A 90 14.60 11.01 -19.81
C GLU A 90 13.35 11.08 -20.69
N ARG A 91 12.23 10.54 -20.22
CA ARG A 91 10.93 10.56 -20.94
C ARG A 91 9.99 11.66 -20.42
N ASP A 92 10.51 12.59 -19.61
CA ASP A 92 9.83 13.82 -19.12
CA ASP A 92 9.77 13.82 -19.24
C ASP A 92 8.47 13.48 -18.48
N VAL A 93 8.41 12.39 -17.74
CA VAL A 93 7.30 12.12 -16.78
C VAL A 93 7.25 13.28 -15.76
N ASP A 94 6.05 13.45 -15.19
CA ASP A 94 5.76 14.50 -14.17
C ASP A 94 6.56 14.17 -12.94
N ILE A 95 7.61 14.93 -12.68
CA ILE A 95 8.53 14.67 -11.56
C ILE A 95 7.78 15.00 -10.26
N ASN A 96 6.72 15.78 -10.31
CA ASN A 96 6.02 16.16 -9.04
C ASN A 96 4.69 15.42 -8.90
N ILE A 97 4.51 14.33 -9.62
CA ILE A 97 3.19 13.61 -9.67
C ILE A 97 2.70 13.35 -8.23
N TYR A 98 1.48 13.74 -7.94
CA TYR A 98 0.93 13.62 -6.57
C TYR A 98 -0.13 12.52 -6.53
N ASP A 99 -0.12 11.69 -5.48
CA ASP A 99 -1.08 10.58 -5.33
C ASP A 99 -1.76 10.61 -3.96
N TRP A 100 -2.88 9.90 -3.86
CA TRP A 100 -3.77 9.99 -2.64
C TRP A 100 -3.15 9.35 -1.40
N ASN A 101 -2.05 8.63 -1.54
CA ASN A 101 -1.22 8.13 -0.41
C ASN A 101 -0.74 9.37 0.35
N GLY A 102 -0.59 10.50 -0.35
CA GLY A 102 -0.26 11.77 0.30
C GLY A 102 1.03 12.43 -0.17
N GLY A 103 1.75 11.84 -1.14
CA GLY A 103 3.02 12.44 -1.56
C GLY A 103 3.32 12.38 -3.04
N THR A 104 4.62 12.46 -3.29
CA THR A 104 5.30 12.73 -4.56
C THR A 104 6.57 11.93 -4.62
N PRO A 105 7.19 11.75 -5.79
CA PRO A 105 8.46 11.04 -5.79
C PRO A 105 9.53 11.54 -4.79
N LEU A 106 9.74 12.85 -4.68
CA LEU A 106 10.72 13.43 -3.76
C LEU A 106 10.25 13.20 -2.32
N LEU A 107 8.97 13.32 -2.00
CA LEU A 107 8.62 13.04 -0.58
C LEU A 107 8.87 11.56 -0.30
N TYR A 108 8.67 10.71 -1.30
CA TYR A 108 8.84 9.24 -1.08
C TYR A 108 10.34 8.89 -0.94
N ALA A 109 11.19 9.46 -1.81
CA ALA A 109 12.64 9.25 -1.69
C ALA A 109 13.14 9.78 -0.35
N VAL A 110 12.62 10.91 0.13
CA VAL A 110 12.99 11.39 1.50
C VAL A 110 12.54 10.43 2.62
N ARG A 111 11.30 10.02 2.55
CA ARG A 111 10.72 9.20 3.63
C ARG A 111 11.54 7.92 3.80
N GLY A 112 12.08 7.37 2.71
CA GLY A 112 12.85 6.11 2.68
C GLY A 112 14.32 6.32 2.95
N ASN A 113 14.74 7.57 3.16
CA ASN A 113 16.16 7.88 3.38
C ASN A 113 16.97 7.37 2.17
N HIS A 114 16.46 7.58 0.94
CA HIS A 114 17.15 7.15 -0.30
C HIS A 114 17.93 8.34 -0.87
N VAL A 115 19.10 8.61 -0.32
CA VAL A 115 19.85 9.86 -0.61
C VAL A 115 20.25 9.93 -2.07
N LYS A 116 20.69 8.84 -2.69
CA LYS A 116 21.05 8.95 -4.12
C LYS A 116 19.81 9.30 -4.94
N CYS A 117 18.61 8.76 -4.62
CA CYS A 117 17.38 9.08 -5.41
CA CYS A 117 17.38 9.12 -5.41
C CYS A 117 16.97 10.55 -5.15
N VAL A 118 17.02 11.01 -3.91
CA VAL A 118 16.80 12.44 -3.60
C VAL A 118 17.76 13.31 -4.46
N GLU A 119 19.05 12.98 -4.51
CA GLU A 119 20.04 13.77 -5.28
CA GLU A 119 20.07 13.75 -5.28
C GLU A 119 19.61 13.83 -6.75
N ALA A 120 19.17 12.71 -7.32
CA ALA A 120 18.86 12.60 -8.75
C ALA A 120 17.59 13.43 -9.02
N LEU A 121 16.56 13.29 -8.17
CA LEU A 121 15.25 14.00 -8.36
C LEU A 121 15.49 15.52 -8.27
N LEU A 122 16.33 15.96 -7.35
CA LEU A 122 16.65 17.42 -7.17
C LEU A 122 17.37 17.93 -8.43
N ALA A 123 18.36 17.17 -8.88
CA ALA A 123 19.16 17.48 -10.07
C ALA A 123 18.30 17.55 -11.31
N ARG A 124 17.23 16.74 -11.37
CA ARG A 124 16.22 16.75 -12.45
C ARG A 124 15.18 17.86 -12.30
N GLY A 125 15.20 18.67 -11.25
CA GLY A 125 14.32 19.86 -11.11
C GLY A 125 13.03 19.62 -10.31
N ALA A 126 13.00 18.58 -9.49
CA ALA A 126 11.86 18.30 -8.60
C ALA A 126 11.60 19.55 -7.77
N ASP A 127 10.34 19.88 -7.57
CA ASP A 127 9.90 21.12 -6.87
C ASP A 127 9.92 20.92 -5.34
N LEU A 128 10.84 21.59 -4.63
CA LEU A 128 10.97 21.55 -3.15
C LEU A 128 9.79 22.23 -2.43
N THR A 129 8.89 22.93 -3.13
CA THR A 129 7.75 23.58 -2.43
C THR A 129 6.49 22.71 -2.50
N THR A 130 6.47 21.67 -3.33
CA THR A 130 5.33 20.72 -3.44
C THR A 130 5.16 19.96 -2.12
N GLU A 131 4.13 20.28 -1.36
CA GLU A 131 3.81 19.67 -0.06
C GLU A 131 3.03 18.35 -0.14
N ALA A 132 3.25 17.56 0.90
CA ALA A 132 2.43 16.39 1.26
C ALA A 132 1.02 16.85 1.63
N ASP A 133 0.08 15.93 1.64
CA ASP A 133 -1.30 16.15 2.14
C ASP A 133 -1.24 16.77 3.54
N SER A 134 -0.19 16.52 4.32
CA SER A 134 -0.09 16.94 5.73
C SER A 134 0.48 18.37 5.82
N GLY A 135 0.79 19.01 4.68
CA GLY A 135 1.42 20.35 4.59
C GLY A 135 2.95 20.35 4.67
N TYR A 136 3.60 19.23 4.94
CA TYR A 136 5.06 19.18 5.06
C TYR A 136 5.69 19.27 3.66
N THR A 137 6.71 20.09 3.50
CA THR A 137 7.59 20.05 2.30
C THR A 137 8.61 18.92 2.47
N PRO A 138 9.34 18.52 1.40
CA PRO A 138 10.41 17.54 1.53
C PRO A 138 11.45 17.90 2.60
N MET A 139 11.82 19.18 2.73
CA MET A 139 12.87 19.55 3.70
CA MET A 139 12.87 19.57 3.70
C MET A 139 12.28 19.43 5.12
N ASP A 140 11.00 19.79 5.27
CA ASP A 140 10.29 19.69 6.56
C ASP A 140 10.36 18.24 7.01
N LEU A 141 10.09 17.34 6.08
CA LEU A 141 10.11 15.89 6.35
C LEU A 141 11.50 15.41 6.74
N ALA A 142 12.54 15.80 5.99
CA ALA A 142 13.94 15.41 6.30
C ALA A 142 14.29 15.88 7.70
N VAL A 143 13.83 17.08 8.04
CA VAL A 143 14.19 17.74 9.33
C VAL A 143 13.49 16.97 10.44
N ALA A 144 12.20 16.73 10.28
CA ALA A 144 11.32 16.04 11.26
C ALA A 144 11.84 14.62 11.50
N LEU A 145 12.39 13.96 10.48
CA LEU A 145 12.79 12.53 10.53
C LEU A 145 14.20 12.40 11.10
N GLY A 146 14.95 13.51 11.06
CA GLY A 146 16.37 13.58 11.45
C GLY A 146 17.31 12.93 10.47
N TYR A 147 17.02 12.95 9.18
CA TYR A 147 17.80 12.29 8.13
C TYR A 147 18.86 13.30 7.67
N ARG A 148 20.03 13.33 8.33
CA ARG A 148 20.94 14.51 8.25
C ARG A 148 21.59 14.61 6.88
N LYS A 149 21.96 13.50 6.25
CA LYS A 149 22.57 13.49 4.92
C LYS A 149 21.51 13.95 3.91
N VAL A 150 20.27 13.47 4.03
CA VAL A 150 19.19 13.88 3.08
C VAL A 150 19.03 15.40 3.19
N GLN A 151 18.90 15.91 4.40
CA GLN A 151 18.83 17.37 4.62
CA GLN A 151 18.86 17.38 4.70
C GLN A 151 20.04 18.11 3.99
N GLN A 152 21.25 17.62 4.15
CA GLN A 152 22.48 18.22 3.58
CA GLN A 152 22.47 18.27 3.58
C GLN A 152 22.32 18.35 2.06
N VAL A 153 21.89 17.26 1.40
CA VAL A 153 21.85 17.29 -0.09
CA VAL A 153 21.73 17.16 -0.07
C VAL A 153 20.69 18.21 -0.53
N ILE A 154 19.61 18.32 0.24
CA ILE A 154 18.53 19.33 -0.04
C ILE A 154 19.13 20.72 0.08
N GLU A 155 19.85 21.00 1.17
CA GLU A 155 20.42 22.35 1.41
C GLU A 155 21.39 22.69 0.26
N ASN A 156 22.22 21.73 -0.16
CA ASN A 156 23.19 21.95 -1.26
C ASN A 156 22.46 22.37 -2.53
N HIS A 157 21.35 21.72 -2.88
CA HIS A 157 20.57 22.00 -4.09
C HIS A 157 19.96 23.38 -3.93
N ILE A 158 19.30 23.67 -2.81
CA ILE A 158 18.57 24.94 -2.64
C ILE A 158 19.51 26.11 -2.96
N LEU A 159 20.74 26.08 -2.48
CA LEU A 159 21.69 27.20 -2.69
C LEU A 159 22.08 27.31 -4.18
N LYS A 160 21.99 26.26 -4.99
CA LYS A 160 22.34 26.34 -6.44
C LYS A 160 21.19 26.98 -7.24
N LEU A 161 19.96 26.89 -6.75
CA LEU A 161 18.76 27.35 -7.48
C LEU A 161 18.83 28.87 -7.68
N PHE A 162 19.55 29.57 -6.84
CA PHE A 162 19.50 31.05 -6.86
C PHE A 162 20.76 31.64 -7.48
N GLN A 163 21.56 30.81 -8.15
CA GLN A 163 22.90 31.20 -8.68
C GLN A 163 22.87 30.88 -10.18
N SER A 164 23.49 31.74 -11.02
CA SER A 164 23.49 31.71 -12.52
C SER A 164 24.86 31.26 -13.03
N ALA B 2 8.11 -18.69 -8.87
CA ALA B 2 8.25 -17.34 -8.24
C ALA B 2 7.01 -16.48 -8.54
N PHE B 3 6.60 -15.72 -7.55
CA PHE B 3 5.45 -14.81 -7.64
C PHE B 3 5.73 -13.66 -6.69
N VAL B 4 5.63 -12.42 -7.15
CA VAL B 4 6.12 -11.27 -6.36
C VAL B 4 4.96 -10.33 -6.16
N HIS B 5 5.09 -9.48 -5.16
CA HIS B 5 3.98 -8.57 -4.80
C HIS B 5 4.38 -7.12 -4.95
N MET B 6 3.49 -6.31 -5.48
CA MET B 6 3.79 -4.88 -5.68
C MET B 6 4.12 -4.23 -4.35
N PRO B 7 5.30 -3.59 -4.19
CA PRO B 7 5.52 -2.77 -3.00
C PRO B 7 4.55 -1.60 -2.85
N THR B 8 4.19 -1.31 -1.61
CA THR B 8 3.35 -0.16 -1.21
C THR B 8 4.09 1.19 -1.38
N LEU B 9 3.36 2.27 -1.65
CA LEU B 9 3.88 3.64 -1.50
C LEU B 9 4.07 3.92 -0.01
N PRO B 10 5.07 4.75 0.38
CA PRO B 10 5.44 4.80 1.77
C PRO B 10 4.41 5.49 2.68
N ASN B 11 4.43 5.14 3.96
CA ASN B 11 3.59 5.79 5.00
C ASN B 11 4.33 7.06 5.45
N LEU B 12 3.77 8.22 5.19
CA LEU B 12 4.35 9.55 5.52
C LEU B 12 4.28 9.85 7.02
N ASP B 13 3.58 9.02 7.80
CA ASP B 13 3.58 9.18 9.28
C ASP B 13 4.92 8.67 9.83
N PHE B 14 5.36 9.27 10.95
CA PHE B 14 6.58 8.89 11.74
C PHE B 14 6.34 9.16 13.25
N HIS B 15 7.23 8.66 14.11
N SER C 3 -10.39 22.09 10.22
CA SER C 3 -10.60 21.90 8.75
C SER C 3 -10.29 20.46 8.37
N LEU C 4 -10.43 19.48 9.27
CA LEU C 4 -10.08 18.07 8.93
C LEU C 4 -11.32 17.44 8.28
N SER C 5 -11.14 16.54 7.31
CA SER C 5 -12.20 15.71 6.69
C SER C 5 -12.80 14.75 7.71
N ILE C 6 -14.00 14.23 7.47
CA ILE C 6 -14.59 13.18 8.37
CA ILE C 6 -14.62 13.15 8.30
C ILE C 6 -13.66 11.95 8.36
N HIS C 7 -12.99 11.64 7.24
CA HIS C 7 -12.04 10.50 7.12
C HIS C 7 -10.93 10.69 8.15
N GLN C 8 -10.32 11.88 8.24
CA GLN C 8 -9.22 12.19 9.18
C GLN C 8 -9.75 12.15 10.62
N LEU C 9 -10.95 12.65 10.84
CA LEU C 9 -11.54 12.71 12.21
C LEU C 9 -11.76 11.28 12.67
N ALA C 10 -12.30 10.43 11.79
CA ALA C 10 -12.48 8.98 12.06
C ALA C 10 -11.12 8.31 12.37
N ALA C 11 -10.09 8.53 11.53
CA ALA C 11 -8.74 7.91 11.69
C ALA C 11 -8.17 8.25 13.03
N GLN C 12 -8.32 9.52 13.44
CA GLN C 12 -7.63 10.09 14.61
C GLN C 12 -8.45 9.87 15.87
N GLY C 13 -9.64 9.25 15.77
CA GLY C 13 -10.50 9.09 16.93
C GLY C 13 -10.99 10.40 17.51
N GLU C 14 -11.14 11.45 16.68
CA GLU C 14 -11.76 12.76 17.06
C GLU C 14 -13.29 12.58 17.00
N LEU C 15 -13.79 11.78 17.91
CA LEU C 15 -15.16 11.25 17.85
C LEU C 15 -16.22 12.36 18.03
N ASP C 16 -16.03 13.29 18.97
CA ASP C 16 -17.08 14.34 19.14
C ASP C 16 -17.17 15.16 17.85
N GLN C 17 -16.04 15.52 17.26
CA GLN C 17 -16.02 16.23 15.96
C GLN C 17 -16.72 15.42 14.86
N LEU C 18 -16.42 14.12 14.75
CA LEU C 18 -17.01 13.27 13.72
C LEU C 18 -18.53 13.27 13.92
N LYS C 19 -18.99 13.15 15.19
CA LYS C 19 -20.44 13.02 15.50
C LYS C 19 -21.18 14.26 15.02
N GLU C 20 -20.58 15.40 15.25
CA GLU C 20 -21.09 16.75 14.84
C GLU C 20 -21.33 16.75 13.31
N HIS C 21 -20.30 16.42 12.51
CA HIS C 21 -20.45 16.32 11.03
C HIS C 21 -21.62 15.39 10.69
N LEU C 22 -21.73 14.22 11.34
CA LEU C 22 -22.69 13.20 10.85
C LEU C 22 -24.16 13.60 11.11
N ARG C 23 -24.41 14.38 12.18
CA ARG C 23 -25.77 14.72 12.69
C ARG C 23 -26.33 15.93 11.92
N LYS C 24 -25.46 16.86 11.49
CA LYS C 24 -25.74 17.99 10.56
C LYS C 24 -25.81 17.55 9.08
N GLY C 25 -24.95 16.62 8.65
CA GLY C 25 -24.73 16.31 7.23
C GLY C 25 -25.82 15.44 6.60
N ASP C 26 -25.77 15.32 5.27
CA ASP C 26 -26.78 14.56 4.53
C ASP C 26 -26.14 13.25 4.11
N ASN C 27 -26.48 12.17 4.82
CA ASN C 27 -26.09 10.79 4.46
C ASN C 27 -24.55 10.77 4.27
N LEU C 28 -23.78 11.24 5.23
CA LEU C 28 -22.28 11.27 5.09
C LEU C 28 -21.62 9.96 5.56
N VAL C 29 -22.28 9.09 6.32
CA VAL C 29 -21.61 7.99 7.07
C VAL C 29 -20.77 7.11 6.11
N ASN C 30 -21.25 6.82 4.91
CA ASN C 30 -20.58 5.93 3.92
C ASN C 30 -19.85 6.66 2.77
N LYS C 31 -19.72 7.99 2.81
CA LYS C 31 -19.22 8.73 1.63
C LYS C 31 -17.76 8.37 1.44
N PRO C 32 -17.33 7.96 0.23
CA PRO C 32 -15.93 7.58 0.02
C PRO C 32 -15.01 8.79 -0.22
N ASP C 33 -13.74 8.65 0.15
CA ASP C 33 -12.68 9.59 -0.24
C ASP C 33 -12.19 9.12 -1.64
N GLU C 34 -11.13 9.75 -2.09
CA GLU C 34 -10.58 9.64 -3.46
C GLU C 34 -10.19 8.21 -3.72
N ARG C 35 -9.72 7.47 -2.70
CA ARG C 35 -9.42 6.03 -2.88
C ARG C 35 -10.61 5.14 -2.57
N GLY C 36 -11.86 5.67 -2.33
CA GLY C 36 -13.02 4.84 -2.03
C GLY C 36 -13.12 4.42 -0.56
N PHE C 37 -12.28 4.95 0.32
CA PHE C 37 -12.31 4.59 1.74
C PHE C 37 -13.42 5.37 2.44
N THR C 38 -14.09 4.69 3.37
CA THR C 38 -15.14 5.25 4.25
C THR C 38 -14.50 5.67 5.55
N PRO C 39 -15.18 6.51 6.33
CA PRO C 39 -14.73 6.76 7.68
C PRO C 39 -14.48 5.49 8.50
N LEU C 40 -15.35 4.51 8.36
CA LEU C 40 -15.22 3.23 9.07
C LEU C 40 -13.94 2.55 8.68
N ILE C 41 -13.54 2.54 7.39
CA ILE C 41 -12.26 1.88 7.05
C ILE C 41 -11.09 2.60 7.71
N TRP C 42 -11.10 3.94 7.71
CA TRP C 42 -10.02 4.73 8.34
C TRP C 42 -9.97 4.38 9.83
N ALA C 43 -11.12 4.39 10.52
CA ALA C 43 -11.15 4.13 11.97
C ALA C 43 -10.69 2.71 12.24
N SER C 44 -11.11 1.76 11.41
CA SER C 44 -10.70 0.36 11.56
C SER C 44 -9.16 0.23 11.42
N ALA C 45 -8.57 0.90 10.42
CA ALA C 45 -7.12 0.79 10.07
C ALA C 45 -6.24 1.36 11.17
N PHE C 46 -6.82 2.19 12.05
CA PHE C 46 -6.12 2.92 13.14
C PHE C 46 -6.43 2.29 14.49
N GLY C 47 -7.30 1.29 14.54
CA GLY C 47 -7.55 0.59 15.79
C GLY C 47 -8.37 1.43 16.76
N GLU C 48 -9.20 2.35 16.26
CA GLU C 48 -9.98 3.28 17.13
C GLU C 48 -11.32 2.63 17.55
N ILE C 49 -11.32 1.97 18.69
CA ILE C 49 -12.41 1.05 19.10
C ILE C 49 -13.69 1.89 19.26
N GLU C 50 -13.66 3.02 19.99
CA GLU C 50 -14.99 3.65 20.28
C GLU C 50 -15.55 4.24 18.98
N THR C 51 -14.68 4.75 18.10
CA THR C 51 -15.13 5.30 16.79
C THR C 51 -15.74 4.19 15.93
N VAL C 52 -15.09 3.03 15.81
CA VAL C 52 -15.68 1.91 15.06
C VAL C 52 -17.01 1.50 15.69
N ARG C 53 -17.04 1.28 17.01
CA ARG C 53 -18.28 0.83 17.65
C ARG C 53 -19.38 1.85 17.34
N PHE C 54 -19.08 3.12 17.44
CA PHE C 54 -20.12 4.16 17.20
C PHE C 54 -20.56 4.12 15.74
N LEU C 55 -19.62 4.05 14.80
CA LEU C 55 -20.03 4.16 13.38
C LEU C 55 -20.95 2.99 13.06
N LEU C 56 -20.62 1.82 13.53
CA LEU C 56 -21.45 0.62 13.32
C LEU C 56 -22.82 0.76 13.97
N GLU C 57 -22.87 1.29 15.20
CA GLU C 57 -24.17 1.53 15.88
C GLU C 57 -25.00 2.55 15.13
N TRP C 58 -24.33 3.51 14.56
CA TRP C 58 -25.02 4.54 13.75
C TRP C 58 -25.62 3.89 12.50
N GLY C 59 -25.02 2.79 11.99
CA GLY C 59 -25.57 2.05 10.83
C GLY C 59 -24.61 2.06 9.63
N ALA C 60 -23.35 2.42 9.84
CA ALA C 60 -22.30 2.45 8.78
C ALA C 60 -22.26 1.10 8.08
N ASP C 61 -22.04 1.10 6.77
CA ASP C 61 -21.97 -0.14 5.95
C ASP C 61 -20.57 -0.70 6.07
N PRO C 62 -20.41 -1.89 6.67
CA PRO C 62 -19.08 -2.45 6.91
C PRO C 62 -18.58 -3.21 5.67
N HIS C 63 -19.45 -3.36 4.66
CA HIS C 63 -19.14 -4.31 3.53
C HIS C 63 -18.34 -3.62 2.47
N ILE C 64 -18.25 -2.28 2.52
CA ILE C 64 -17.79 -1.46 1.37
C ILE C 64 -16.33 -1.74 1.07
N LEU C 65 -16.05 -1.96 -0.20
CA LEU C 65 -14.68 -2.11 -0.71
C LEU C 65 -14.24 -0.83 -1.41
N ALA C 66 -12.99 -0.47 -1.18
CA ALA C 66 -12.32 0.69 -1.78
C ALA C 66 -11.80 0.31 -3.17
N LYS C 67 -11.16 1.25 -3.83
CA LYS C 67 -10.86 1.11 -5.27
C LYS C 67 -9.94 -0.04 -5.63
N GLU C 68 -9.12 -0.53 -4.69
CA GLU C 68 -8.28 -1.74 -4.95
C GLU C 68 -8.77 -2.90 -4.04
N ARG C 69 -10.06 -2.87 -3.67
CA ARG C 69 -10.80 -3.89 -2.91
C ARG C 69 -10.39 -3.90 -1.44
N GLU C 70 -9.79 -2.83 -0.93
CA GLU C 70 -9.44 -2.77 0.51
C GLU C 70 -10.75 -2.73 1.31
N SER C 71 -10.73 -3.37 2.48
CA SER C 71 -11.92 -3.47 3.37
C SER C 71 -11.58 -2.95 4.76
N ALA C 72 -12.61 -2.65 5.53
CA ALA C 72 -12.41 -2.35 6.95
C ALA C 72 -11.81 -3.60 7.61
N LEU C 73 -12.35 -4.80 7.35
CA LEU C 73 -11.83 -6.01 8.02
C LEU C 73 -10.38 -6.26 7.64
N SER C 74 -10.00 -6.18 6.36
CA SER C 74 -8.62 -6.47 5.96
C SER C 74 -7.61 -5.49 6.58
N LEU C 75 -7.95 -4.22 6.68
CA LEU C 75 -7.03 -3.21 7.29
C LEU C 75 -6.93 -3.39 8.83
N ALA C 76 -8.06 -3.72 9.47
CA ALA C 76 -8.08 -4.02 10.90
C ALA C 76 -7.19 -5.24 11.16
N SER C 77 -7.35 -6.32 10.38
CA SER C 77 -6.52 -7.55 10.56
C SER C 77 -5.05 -7.26 10.27
N THR C 78 -4.73 -6.42 9.28
CA THR C 78 -3.32 -6.06 8.96
C THR C 78 -2.63 -5.45 10.19
N GLY C 79 -3.35 -4.62 10.96
CA GLY C 79 -2.80 -3.98 12.16
C GLY C 79 -2.83 -4.90 13.40
N GLY C 80 -3.41 -6.10 13.32
CA GLY C 80 -3.61 -6.99 14.49
C GLY C 80 -4.63 -6.42 15.47
N TYR C 81 -5.60 -5.62 15.00
CA TYR C 81 -6.60 -4.97 15.89
C TYR C 81 -7.77 -5.89 16.18
N THR C 82 -7.55 -6.87 17.06
CA THR C 82 -8.53 -7.94 17.39
C THR C 82 -9.91 -7.35 17.74
N ASP C 83 -9.99 -6.31 18.59
CA ASP C 83 -11.29 -5.78 19.04
C ASP C 83 -12.08 -5.19 17.85
N ILE C 84 -11.41 -4.52 16.91
CA ILE C 84 -12.08 -4.02 15.68
C ILE C 84 -12.60 -5.19 14.84
N VAL C 85 -11.74 -6.19 14.63
CA VAL C 85 -12.09 -7.45 13.92
C VAL C 85 -13.39 -7.98 14.55
N GLY C 86 -13.45 -8.12 15.88
CA GLY C 86 -14.66 -8.68 16.49
C GLY C 86 -15.88 -7.80 16.32
N LEU C 87 -15.75 -6.46 16.36
CA LEU C 87 -16.86 -5.53 16.07
C LEU C 87 -17.40 -5.67 14.66
N LEU C 88 -16.52 -5.77 13.67
CA LEU C 88 -16.89 -5.98 12.26
C LEU C 88 -17.57 -7.33 12.05
N LEU C 89 -17.07 -8.40 12.62
CA LEU C 89 -17.55 -9.78 12.35
C LEU C 89 -18.92 -9.91 12.99
N GLU C 90 -19.24 -9.12 14.03
CA GLU C 90 -20.60 -9.13 14.64
C GLU C 90 -21.61 -8.49 13.67
N ARG C 91 -21.16 -7.84 12.60
CA ARG C 91 -22.04 -7.24 11.56
C ARG C 91 -22.04 -8.10 10.28
N ASP C 92 -21.51 -9.31 10.33
CA ASP C 92 -21.65 -10.36 9.28
CA ASP C 92 -21.67 -10.36 9.29
C ASP C 92 -20.98 -9.92 7.97
N VAL C 93 -19.76 -9.37 8.07
CA VAL C 93 -18.93 -9.03 6.89
C VAL C 93 -18.40 -10.32 6.30
N ASP C 94 -17.90 -10.25 5.09
CA ASP C 94 -17.22 -11.37 4.44
C ASP C 94 -15.85 -11.52 5.12
N ILE C 95 -15.74 -12.58 5.88
CA ILE C 95 -14.55 -12.87 6.69
C ILE C 95 -13.41 -13.34 5.77
N ASN C 96 -13.69 -13.73 4.52
CA ASN C 96 -12.74 -14.31 3.53
C ASN C 96 -12.41 -13.33 2.40
N ILE C 97 -12.87 -12.07 2.49
CA ILE C 97 -12.75 -11.04 1.41
C ILE C 97 -11.35 -11.05 0.79
N TYR C 98 -11.26 -11.28 -0.53
CA TYR C 98 -9.96 -11.23 -1.23
C TYR C 98 -9.74 -9.90 -1.95
N ASP C 99 -8.53 -9.34 -1.86
CA ASP C 99 -8.17 -8.09 -2.57
C ASP C 99 -6.94 -8.27 -3.47
N TRP C 100 -6.69 -7.32 -4.37
CA TRP C 100 -5.72 -7.52 -5.49
C TRP C 100 -4.27 -7.44 -4.93
N ASN C 101 -4.09 -6.97 -3.72
CA ASN C 101 -2.76 -7.03 -3.02
C ASN C 101 -2.41 -8.51 -2.79
N GLY C 102 -3.39 -9.41 -2.82
CA GLY C 102 -3.10 -10.85 -2.98
C GLY C 102 -3.58 -11.71 -1.82
N GLY C 103 -4.19 -11.11 -0.80
CA GLY C 103 -4.65 -11.91 0.35
C GLY C 103 -6.01 -11.57 0.92
N THR C 104 -6.15 -11.93 2.18
CA THR C 104 -7.39 -12.00 2.95
C THR C 104 -7.10 -11.48 4.35
N PRO C 105 -8.17 -11.25 5.15
CA PRO C 105 -8.02 -10.98 6.57
C PRO C 105 -7.05 -11.95 7.27
N LEU C 106 -7.28 -13.27 7.10
CA LEU C 106 -6.50 -14.30 7.80
C LEU C 106 -5.06 -14.32 7.27
N LEU C 107 -4.86 -14.19 5.96
CA LEU C 107 -3.47 -14.20 5.42
C LEU C 107 -2.73 -12.96 5.96
N TYR C 108 -3.40 -11.83 6.09
CA TYR C 108 -2.79 -10.56 6.60
C TYR C 108 -2.48 -10.67 8.10
N ALA C 109 -3.38 -11.27 8.88
CA ALA C 109 -3.12 -11.53 10.31
C ALA C 109 -1.95 -12.49 10.47
N VAL C 110 -1.83 -13.54 9.62
CA VAL C 110 -0.65 -14.44 9.65
C VAL C 110 0.58 -13.63 9.25
N ARG C 111 0.53 -12.87 8.15
CA ARG C 111 1.77 -12.28 7.58
C ARG C 111 2.37 -11.35 8.62
N GLY C 112 1.52 -10.69 9.43
CA GLY C 112 2.04 -9.78 10.49
C GLY C 112 2.25 -10.38 11.86
N ASN C 113 2.22 -11.71 12.03
CA ASN C 113 2.49 -12.41 13.33
C ASN C 113 1.43 -11.89 14.35
N HIS C 114 0.18 -11.66 13.90
CA HIS C 114 -0.92 -11.14 14.78
C HIS C 114 -1.74 -12.31 15.36
N VAL C 115 -1.17 -12.94 16.35
CA VAL C 115 -1.64 -14.17 17.00
C VAL C 115 -3.07 -13.99 17.46
N LYS C 116 -3.39 -12.94 18.21
CA LYS C 116 -4.76 -12.83 18.78
C LYS C 116 -5.78 -12.63 17.64
N CYS C 117 -5.38 -11.95 16.57
CA CYS C 117 -6.29 -11.71 15.43
CA CYS C 117 -6.27 -11.72 15.41
C CYS C 117 -6.53 -13.03 14.68
N VAL C 118 -5.49 -13.87 14.54
CA VAL C 118 -5.63 -15.17 13.83
C VAL C 118 -6.64 -15.96 14.69
N GLU C 119 -6.39 -16.04 16.01
CA GLU C 119 -7.35 -16.72 16.95
C GLU C 119 -8.80 -16.26 16.75
N ALA C 120 -9.09 -14.94 16.75
CA ALA C 120 -10.47 -14.37 16.58
C ALA C 120 -11.09 -14.71 15.21
N LEU C 121 -10.30 -14.58 14.15
CA LEU C 121 -10.80 -14.96 12.79
C LEU C 121 -11.20 -16.43 12.70
N LEU C 122 -10.35 -17.32 13.16
CA LEU C 122 -10.61 -18.79 13.13
C LEU C 122 -11.79 -19.09 14.04
N ALA C 123 -11.95 -18.36 15.17
CA ALA C 123 -13.08 -18.62 16.07
C ALA C 123 -14.37 -18.28 15.36
N ARG C 124 -14.36 -17.33 14.43
CA ARG C 124 -15.60 -16.98 13.67
C ARG C 124 -15.71 -17.70 12.32
N GLY C 125 -14.89 -18.68 12.06
CA GLY C 125 -15.05 -19.55 10.89
C GLY C 125 -14.27 -19.14 9.65
N ALA C 126 -13.25 -18.31 9.74
CA ALA C 126 -12.47 -17.95 8.57
C ALA C 126 -11.98 -19.25 7.89
N ASP C 127 -11.98 -19.23 6.56
CA ASP C 127 -11.67 -20.42 5.71
C ASP C 127 -10.16 -20.63 5.61
N LEU C 128 -9.61 -21.72 6.17
CA LEU C 128 -8.15 -21.99 6.13
C LEU C 128 -7.72 -22.53 4.75
N THR C 129 -8.64 -22.84 3.84
CA THR C 129 -8.24 -23.35 2.49
C THR C 129 -8.12 -22.17 1.48
N THR C 130 -8.41 -20.94 1.87
CA THR C 130 -8.43 -19.80 0.91
C THR C 130 -7.02 -19.29 0.73
N GLU C 131 -6.45 -19.51 -0.47
CA GLU C 131 -5.01 -19.26 -0.72
C GLU C 131 -4.76 -17.82 -1.21
N ALA C 132 -3.54 -17.36 -1.01
CA ALA C 132 -3.07 -16.09 -1.56
C ALA C 132 -2.92 -16.26 -3.07
N ASP C 133 -2.72 -15.16 -3.80
CA ASP C 133 -2.40 -15.14 -5.24
C ASP C 133 -1.22 -16.05 -5.52
N SER C 134 -0.25 -16.20 -4.60
CA SER C 134 0.99 -16.99 -4.69
C SER C 134 0.79 -18.47 -4.39
N GLY C 135 -0.43 -18.87 -4.03
CA GLY C 135 -0.83 -20.28 -3.79
C GLY C 135 -0.62 -20.79 -2.35
N TYR C 136 -0.11 -19.96 -1.42
CA TYR C 136 0.09 -20.28 0.02
C TYR C 136 -1.23 -20.23 0.79
N THR C 137 -1.59 -21.33 1.47
CA THR C 137 -2.65 -21.31 2.52
C THR C 137 -2.18 -20.47 3.71
N PRO C 138 -3.09 -20.02 4.61
CA PRO C 138 -2.64 -19.37 5.83
C PRO C 138 -1.65 -20.25 6.60
N MET C 139 -1.92 -21.54 6.69
CA MET C 139 -0.97 -22.47 7.37
C MET C 139 0.37 -22.57 6.62
N ASP C 140 0.37 -22.71 5.30
CA ASP C 140 1.62 -22.71 4.52
C ASP C 140 2.43 -21.45 4.88
N LEU C 141 1.74 -20.32 4.98
CA LEU C 141 2.44 -19.03 5.25
C LEU C 141 3.02 -19.01 6.67
N ALA C 142 2.28 -19.45 7.71
CA ALA C 142 2.71 -19.55 9.12
C ALA C 142 3.97 -20.42 9.22
N VAL C 143 3.94 -21.54 8.49
CA VAL C 143 5.04 -22.54 8.47
C VAL C 143 6.24 -21.92 7.77
N ALA C 144 6.08 -21.30 6.59
CA ALA C 144 7.21 -20.78 5.80
C ALA C 144 7.86 -19.57 6.53
N LEU C 145 7.08 -18.83 7.31
CA LEU C 145 7.61 -17.66 8.05
C LEU C 145 8.25 -18.08 9.39
N GLY C 146 8.04 -19.30 9.86
CA GLY C 146 8.54 -19.72 11.17
C GLY C 146 7.80 -19.00 12.31
N TYR C 147 6.54 -18.63 12.11
CA TYR C 147 5.71 -17.99 13.17
C TYR C 147 5.01 -19.13 13.89
N ARG C 148 5.76 -19.81 14.76
CA ARG C 148 5.38 -21.11 15.37
C ARG C 148 4.16 -20.90 16.26
N LYS C 149 3.99 -19.73 16.87
CA LYS C 149 2.82 -19.50 17.74
C LYS C 149 1.57 -19.31 16.87
N VAL C 150 1.68 -18.63 15.71
CA VAL C 150 0.53 -18.53 14.77
C VAL C 150 0.22 -19.96 14.30
N GLN C 151 1.25 -20.71 13.98
CA GLN C 151 1.03 -22.11 13.51
C GLN C 151 0.28 -22.90 14.59
N GLN C 152 0.66 -22.73 15.86
CA GLN C 152 0.05 -23.46 17.00
C GLN C 152 -1.44 -23.13 17.09
N VAL C 153 -1.87 -21.88 16.93
CA VAL C 153 -3.28 -21.44 17.00
CA VAL C 153 -3.31 -21.54 17.06
C VAL C 153 -4.10 -22.08 15.84
N ILE C 154 -3.47 -22.15 14.68
CA ILE C 154 -4.07 -22.81 13.49
C ILE C 154 -4.25 -24.30 13.81
N GLU C 155 -3.22 -24.96 14.32
CA GLU C 155 -3.26 -26.43 14.62
C GLU C 155 -4.35 -26.71 15.66
N ASN C 156 -4.43 -25.91 16.72
CA ASN C 156 -5.47 -26.07 17.78
C ASN C 156 -6.84 -25.99 17.11
N HIS C 157 -7.02 -24.98 16.29
CA HIS C 157 -8.29 -24.80 15.60
C HIS C 157 -8.68 -26.00 14.73
N ILE C 158 -7.82 -26.36 13.79
CA ILE C 158 -8.03 -27.48 12.84
CA ILE C 158 -8.11 -27.46 12.83
C ILE C 158 -8.44 -28.75 13.60
N LEU C 159 -7.72 -29.10 14.68
CA LEU C 159 -8.06 -30.32 15.47
CA LEU C 159 -8.05 -30.28 15.54
C LEU C 159 -9.51 -30.23 16.00
N LYS C 160 -10.00 -29.03 16.36
CA LYS C 160 -11.39 -28.81 16.88
C LYS C 160 -12.43 -28.92 15.77
N LEU C 161 -12.07 -28.61 14.52
CA LEU C 161 -12.99 -28.81 13.38
C LEU C 161 -13.44 -30.26 13.29
N PHE C 162 -12.59 -31.20 13.71
CA PHE C 162 -12.82 -32.65 13.48
C PHE C 162 -13.26 -33.39 14.75
N GLN C 163 -13.77 -32.70 15.77
CA GLN C 163 -14.13 -33.30 17.08
C GLN C 163 -15.47 -32.69 17.52
N SER C 164 -16.20 -33.33 18.42
CA SER C 164 -17.58 -32.95 18.86
C SER C 164 -17.50 -31.80 19.87
CA ALA D 2 -2.55 16.05 13.60
C ALA D 2 -3.03 15.76 12.16
N PHE D 3 -2.31 14.94 11.39
CA PHE D 3 -2.73 14.49 10.04
C PHE D 3 -2.14 13.10 9.76
N VAL D 4 -2.97 12.08 9.50
CA VAL D 4 -2.45 10.68 9.49
C VAL D 4 -2.63 10.07 8.08
N HIS D 5 -1.95 8.94 7.85
CA HIS D 5 -1.89 8.27 6.52
C HIS D 5 -2.41 6.83 6.60
N MET D 6 -3.24 6.40 5.64
CA MET D 6 -3.77 5.00 5.64
C MET D 6 -2.61 4.01 5.64
N PRO D 7 -2.51 3.06 6.62
CA PRO D 7 -1.56 1.96 6.57
C PRO D 7 -1.76 1.09 5.33
N THR D 8 -0.65 0.55 4.84
CA THR D 8 -0.63 -0.38 3.67
C THR D 8 -1.17 -1.76 4.09
N LEU D 9 -1.87 -2.45 3.18
CA LEU D 9 -2.01 -3.93 3.23
C LEU D 9 -0.62 -4.58 3.14
N PRO D 10 -0.42 -5.74 3.80
CA PRO D 10 0.95 -6.20 4.01
C PRO D 10 1.50 -6.80 2.70
N ASN D 11 2.80 -6.78 2.54
CA ASN D 11 3.52 -7.41 1.38
C ASN D 11 3.63 -8.90 1.65
N LEU D 12 3.00 -9.75 0.83
CA LEU D 12 3.00 -11.22 1.00
C LEU D 12 4.33 -11.84 0.51
N ASP D 13 5.30 -11.06 0.01
CA ASP D 13 6.68 -11.53 -0.27
C ASP D 13 7.38 -11.74 1.07
N PHE D 14 8.06 -12.85 1.20
CA PHE D 14 8.91 -13.12 2.40
C PHE D 14 10.08 -14.00 2.03
N HIS D 15 11.00 -14.20 2.99
CA HIS D 15 12.09 -15.21 2.96
C HIS D 15 11.75 -16.39 3.93
N LYS D 16 11.78 -17.66 3.49
CA LYS D 16 11.44 -18.85 4.36
C LYS D 16 12.57 -19.04 5.41
N THR D 17 12.24 -19.40 6.68
CA THR D 17 13.15 -19.81 7.81
#